data_7ATZ
#
_entry.id   7ATZ
#
_entity_poly.entity_id   1
_entity_poly.type   'polydeoxyribonucleotide'
_entity_poly.pdbx_seq_one_letter_code
;(DG)(DG)(DT)(DC)(DT)(DG)(DA)(DG)(DG)(DG)(DA)(DG)(DA)(DG)(DG)(DG)(DG)(DC)(DT)(DG)
(DG)(DG)(DT)
;
_entity_poly.pdbx_strand_id   A
#
loop_
_chem_comp.id
_chem_comp.type
_chem_comp.name
_chem_comp.formula
DA DNA linking 2'-DEOXYADENOSINE-5'-MONOPHOSPHATE 'C10 H14 N5 O6 P'
DC DNA linking 2'-DEOXYCYTIDINE-5'-MONOPHOSPHATE 'C9 H14 N3 O7 P'
DG DNA linking 2'-DEOXYGUANOSINE-5'-MONOPHOSPHATE 'C10 H14 N5 O7 P'
DT DNA linking THYMIDINE-5'-MONOPHOSPHATE 'C10 H15 N2 O8 P'
#